data_7NPG
#
_entry.id   7NPG
#
_cell.length_a   82.933
_cell.length_b   112.272
_cell.length_c   62.731
_cell.angle_alpha   90.000
_cell.angle_beta   90.000
_cell.angle_gamma   90.000
#
_symmetry.space_group_name_H-M   'C 2 2 21'
#
loop_
_entity.id
_entity.type
_entity.pdbx_description
1 polymer '14-3-3 protein sigma'
2 polymer 'Amot-p130 phosphopeptide (pS175)'
3 non-polymer 5-[3-(2-azanylethyl)imidazol-4-yl]-4-phenyl-thiophene-2-carboximidamide
4 non-polymer 'CALCIUM ION'
5 non-polymer 'CHLORIDE ION'
6 non-polymer 'MAGNESIUM ION'
7 water water
#
loop_
_entity_poly.entity_id
_entity_poly.type
_entity_poly.pdbx_seq_one_letter_code
_entity_poly.pdbx_strand_id
1 'polypeptide(L)'
;GAMGSMERASLIQKAKLAEQAERYEDMAAFMKGAVEKGEELS(CSO)EERNLLSVAYKNVVGGQRAAWRVLSSIEQKSNE
EGSEEKGPEVREYREKVETELQGVCDTVLGLLDSHLIKEAGDAESRVFYLKMKGDYYRYLAEVATGDDKKRIIDSARSAY
QEAMDISKKEMPPTNPIRLGLALNFSVFHYEIANSPEEAISLAKTTFDEAMADLHTLSEDSYKDSTLIMQLLRDNLTLWT
ADNAGEEGGEAPQEPQS
;
A
2 'polypeptide(L)' GHVRSL(SEP)ERLMQMSLATSGV P
#
loop_
_chem_comp.id
_chem_comp.type
_chem_comp.name
_chem_comp.formula
CA non-polymer 'CALCIUM ION' 'Ca 2'
CL non-polymer 'CHLORIDE ION' 'Cl -1'
K92 non-polymer 5-[3-(2-azanylethyl)imidazol-4-yl]-4-phenyl-thiophene-2-carboximidamide 'C16 H17 N5 S'
MG non-polymer 'MAGNESIUM ION' 'Mg 2'
#
# COMPACT_ATOMS: atom_id res chain seq x y z
N GLY A 1 -13.68 -4.58 20.51
CA GLY A 1 -14.14 -4.61 19.09
C GLY A 1 -15.30 -5.56 18.92
N ALA A 2 -16.13 -5.30 17.90
CA ALA A 2 -17.29 -6.12 17.62
C ALA A 2 -16.91 -7.53 17.20
N MET A 3 -15.65 -7.78 16.84
CA MET A 3 -15.17 -9.12 16.51
C MET A 3 -14.53 -9.83 17.70
N GLY A 4 -14.56 -9.23 18.89
CA GLY A 4 -13.89 -9.82 20.02
C GLY A 4 -14.43 -11.17 20.48
N SER A 5 -15.71 -11.45 20.18
CA SER A 5 -16.29 -12.73 20.57
C SER A 5 -16.13 -13.82 19.54
N MET A 6 -15.58 -13.54 18.37
CA MET A 6 -15.41 -14.55 17.33
C MET A 6 -14.01 -15.16 17.39
N GLU A 7 -13.95 -16.47 17.20
CA GLU A 7 -12.68 -17.17 17.16
C GLU A 7 -11.78 -16.65 16.05
N ARG A 8 -10.47 -16.65 16.30
CA ARG A 8 -9.49 -16.25 15.30
C ARG A 8 -9.64 -17.04 14.00
N ALA A 9 -9.77 -18.37 14.11
CA ALA A 9 -9.86 -19.19 12.90
C ALA A 9 -11.13 -18.88 12.12
N SER A 10 -12.23 -18.57 12.81
CA SER A 10 -13.48 -18.23 12.14
C SER A 10 -13.39 -16.88 11.43
N LEU A 11 -12.69 -15.92 12.04
CA LEU A 11 -12.46 -14.63 11.38
C LEU A 11 -11.67 -14.80 10.10
N ILE A 12 -10.62 -15.63 10.12
N ILE A 12 -10.62 -15.63 10.11
CA ILE A 12 -9.83 -15.87 8.92
CA ILE A 12 -9.84 -15.87 8.90
C ILE A 12 -10.67 -16.57 7.85
C ILE A 12 -10.69 -16.55 7.85
N GLN A 13 -11.45 -17.58 8.25
CA GLN A 13 -12.32 -18.26 7.30
C GLN A 13 -13.31 -17.30 6.65
N LYS A 14 -13.94 -16.44 7.45
CA LYS A 14 -14.90 -15.48 6.92
C LYS A 14 -14.23 -14.41 6.07
N ALA A 15 -13.00 -14.04 6.37
CA ALA A 15 -12.28 -13.11 5.49
C ALA A 15 -12.09 -13.71 4.10
N LYS A 16 -11.81 -15.02 4.03
CA LYS A 16 -11.62 -15.68 2.75
C LYS A 16 -12.95 -15.73 2.00
N LEU A 17 -14.05 -15.97 2.71
CA LEU A 17 -15.38 -15.97 2.09
C LEU A 17 -15.74 -14.58 1.58
N ALA A 18 -15.46 -13.55 2.38
CA ALA A 18 -15.74 -12.17 1.98
C ALA A 18 -14.96 -11.81 0.73
N GLU A 19 -13.70 -12.23 0.64
CA GLU A 19 -12.93 -12.02 -0.58
C GLU A 19 -13.66 -12.63 -1.79
N GLN A 20 -14.10 -13.88 -1.66
CA GLN A 20 -14.78 -14.54 -2.79
C GLN A 20 -16.05 -13.81 -3.17
N ALA A 21 -16.75 -13.23 -2.20
CA ALA A 21 -18.00 -12.51 -2.41
C ALA A 21 -17.79 -11.04 -2.76
N GLU A 22 -16.54 -10.60 -2.87
CA GLU A 22 -16.20 -9.19 -3.14
C GLU A 22 -16.81 -8.23 -2.12
N ARG A 23 -16.78 -8.64 -0.86
CA ARG A 23 -17.29 -7.86 0.27
C ARG A 23 -16.06 -7.38 1.07
N TYR A 24 -15.40 -6.36 0.54
CA TYR A 24 -14.09 -5.99 1.09
C TYR A 24 -14.17 -5.24 2.41
N GLU A 25 -15.23 -4.47 2.64
N GLU A 25 -15.23 -4.47 2.64
CA GLU A 25 -15.41 -3.86 3.95
CA GLU A 25 -15.41 -3.86 3.95
C GLU A 25 -15.56 -4.94 5.03
C GLU A 25 -15.56 -4.92 5.03
N ASP A 26 -16.36 -5.96 4.76
CA ASP A 26 -16.49 -7.07 5.70
C ASP A 26 -15.14 -7.75 5.88
N MET A 27 -14.45 -8.01 4.77
CA MET A 27 -13.14 -8.66 4.81
C MET A 27 -12.20 -7.90 5.74
N ALA A 28 -12.14 -6.56 5.60
CA ALA A 28 -11.26 -5.76 6.44
C ALA A 28 -11.66 -5.82 7.91
N ALA A 29 -12.95 -5.78 8.22
CA ALA A 29 -13.39 -5.90 9.61
C ALA A 29 -13.00 -7.26 10.20
N PHE A 30 -13.14 -8.34 9.43
CA PHE A 30 -12.74 -9.66 9.92
C PHE A 30 -11.24 -9.71 10.18
N MET A 31 -10.43 -9.14 9.26
CA MET A 31 -8.98 -9.20 9.45
C MET A 31 -8.51 -8.29 10.57
N LYS A 32 -9.15 -7.11 10.75
CA LYS A 32 -8.85 -6.29 11.92
C LYS A 32 -9.12 -7.07 13.22
N GLY A 33 -10.25 -7.78 13.26
CA GLY A 33 -10.53 -8.62 14.40
C GLY A 33 -9.47 -9.69 14.61
N ALA A 34 -9.00 -10.30 13.52
CA ALA A 34 -7.95 -11.31 13.66
C ALA A 34 -6.66 -10.72 14.19
N VAL A 35 -6.25 -9.56 13.67
CA VAL A 35 -5.03 -8.90 14.18
C VAL A 35 -5.18 -8.64 15.67
N GLU A 36 -6.35 -8.17 16.09
CA GLU A 36 -6.55 -7.77 17.49
C GLU A 36 -6.55 -8.96 18.44
N LYS A 37 -6.54 -10.19 17.95
CA LYS A 37 -6.32 -11.34 18.83
C LYS A 37 -4.92 -11.35 19.43
N GLY A 38 -3.97 -10.63 18.84
CA GLY A 38 -2.66 -10.45 19.42
C GLY A 38 -1.58 -11.38 18.92
N GLU A 39 -1.93 -12.39 18.13
CA GLU A 39 -0.93 -13.29 17.58
C GLU A 39 -0.37 -12.73 16.28
N GLU A 40 0.86 -13.11 15.96
CA GLU A 40 1.45 -12.79 14.67
C GLU A 40 0.62 -13.41 13.53
N LEU A 41 0.80 -12.89 12.34
CA LEU A 41 0.10 -13.32 11.14
C LEU A 41 1.01 -14.12 10.22
N SER A 42 0.49 -15.20 9.66
CA SER A 42 1.22 -15.96 8.63
C SER A 42 1.27 -15.17 7.32
N CSO A 43 2.02 -15.67 6.34
N CSO A 43 2.02 -15.66 6.34
CA CSO A 43 2.11 -14.96 5.08
CA CSO A 43 2.11 -14.97 5.07
CB CSO A 43 3.08 -15.69 4.14
CB CSO A 43 3.05 -15.70 4.11
SG CSO A 43 3.40 -14.73 2.62
SG CSO A 43 3.18 -14.74 2.57
C CSO A 43 0.72 -14.83 4.43
C CSO A 43 0.72 -14.83 4.43
O CSO A 43 0.35 -13.76 3.95
O CSO A 43 0.36 -13.75 3.96
OD CSO A 43 5.16 -14.54 2.27
OD CSO A 43 2.89 -15.73 1.15
HB2 CSO A 43 2.71 -16.54 3.88
HB2 CSO A 43 2.69 -16.58 3.90
HB3 CSO A 43 3.93 -15.83 4.59
HB3 CSO A 43 3.93 -15.79 4.50
HD CSO A 43 5.28 -13.99 1.47
HD CSO A 43 2.79 -15.17 0.36
N GLU A 44 -0.03 -15.92 4.39
CA GLU A 44 -1.37 -15.88 3.82
C GLU A 44 -2.24 -14.85 4.54
N GLU A 45 -2.20 -14.85 5.88
CA GLU A 45 -3.00 -13.92 6.67
C GLU A 45 -2.59 -12.46 6.43
N ARG A 46 -1.28 -12.18 6.29
CA ARG A 46 -0.84 -10.82 5.99
C ARG A 46 -1.42 -10.37 4.65
N ASN A 47 -1.43 -11.27 3.67
CA ASN A 47 -1.98 -10.94 2.37
C ASN A 47 -3.49 -10.73 2.42
N LEU A 48 -4.21 -11.49 3.22
CA LEU A 48 -5.64 -11.22 3.40
C LEU A 48 -5.86 -9.82 3.98
N LEU A 49 -5.08 -9.44 4.97
CA LEU A 49 -5.18 -8.09 5.54
C LEU A 49 -4.94 -7.02 4.48
N SER A 50 -3.88 -7.19 3.68
CA SER A 50 -3.55 -6.20 2.65
C SER A 50 -4.62 -6.12 1.57
N VAL A 51 -5.10 -7.26 1.09
CA VAL A 51 -6.12 -7.28 0.04
C VAL A 51 -7.35 -6.51 0.51
N ALA A 52 -7.77 -6.76 1.75
CA ALA A 52 -9.00 -6.18 2.25
C ALA A 52 -8.89 -4.65 2.28
N TYR A 53 -7.86 -4.12 2.95
CA TYR A 53 -7.74 -2.67 3.09
C TYR A 53 -7.36 -2.00 1.78
N LYS A 54 -6.61 -2.67 0.90
CA LYS A 54 -6.27 -2.04 -0.38
C LYS A 54 -7.52 -1.82 -1.21
N ASN A 55 -8.45 -2.76 -1.18
CA ASN A 55 -9.69 -2.60 -1.91
C ASN A 55 -10.57 -1.53 -1.29
N VAL A 56 -10.67 -1.48 0.04
CA VAL A 56 -11.47 -0.44 0.69
C VAL A 56 -10.90 0.94 0.35
N VAL A 57 -9.62 1.16 0.61
N VAL A 57 -9.62 1.17 0.64
CA VAL A 57 -9.04 2.48 0.39
CA VAL A 57 -9.06 2.50 0.38
C VAL A 57 -8.97 2.81 -1.09
C VAL A 57 -9.04 2.80 -1.10
N GLY A 58 -8.84 1.80 -1.95
CA GLY A 58 -8.81 2.05 -3.39
C GLY A 58 -10.11 2.64 -3.89
N GLY A 59 -11.24 2.12 -3.40
CA GLY A 59 -12.51 2.72 -3.76
C GLY A 59 -12.62 4.15 -3.27
N GLN A 60 -12.15 4.41 -2.05
CA GLN A 60 -12.19 5.76 -1.50
C GLN A 60 -11.33 6.71 -2.32
N ARG A 61 -10.13 6.26 -2.70
CA ARG A 61 -9.22 7.11 -3.48
C ARG A 61 -9.84 7.44 -4.84
N ALA A 62 -10.45 6.46 -5.48
CA ALA A 62 -11.08 6.70 -6.77
C ALA A 62 -12.20 7.73 -6.63
N ALA A 63 -13.01 7.62 -5.57
CA ALA A 63 -14.12 8.56 -5.37
C ALA A 63 -13.57 9.95 -5.03
N TRP A 64 -12.55 10.03 -4.18
CA TRP A 64 -11.95 11.31 -3.84
C TRP A 64 -11.44 12.01 -5.08
N ARG A 65 -10.81 11.26 -6.01
CA ARG A 65 -10.26 11.89 -7.22
C ARG A 65 -11.37 12.44 -8.10
N VAL A 66 -12.50 11.74 -8.22
CA VAL A 66 -13.63 12.24 -9.00
C VAL A 66 -14.12 13.54 -8.40
N LEU A 67 -14.33 13.55 -7.07
CA LEU A 67 -14.87 14.72 -6.40
C LEU A 67 -13.89 15.89 -6.41
N SER A 68 -12.60 15.61 -6.21
N SER A 68 -12.60 15.62 -6.21
CA SER A 68 -11.59 16.67 -6.25
CA SER A 68 -11.61 16.70 -6.26
C SER A 68 -11.55 17.34 -7.61
C SER A 68 -11.57 17.36 -7.62
N SER A 69 -11.70 16.57 -8.68
CA SER A 69 -11.70 17.13 -10.03
C SER A 69 -12.92 18.04 -10.24
N ILE A 70 -14.09 17.60 -9.79
CA ILE A 70 -15.29 18.43 -9.89
C ILE A 70 -15.11 19.72 -9.09
N GLU A 71 -14.51 19.61 -7.90
CA GLU A 71 -14.28 20.78 -7.05
C GLU A 71 -13.35 21.76 -7.73
N GLN A 72 -12.26 21.26 -8.34
CA GLN A 72 -11.30 22.15 -8.99
C GLN A 72 -11.94 22.87 -10.17
N LYS A 73 -12.75 22.16 -10.96
CA LYS A 73 -13.45 22.82 -12.07
C LYS A 73 -14.36 23.92 -11.56
N SER A 74 -15.07 23.66 -10.45
CA SER A 74 -15.99 24.66 -9.91
C SER A 74 -15.27 25.91 -9.43
N ASN A 75 -13.96 25.84 -9.21
CA ASN A 75 -13.19 26.96 -8.67
C ASN A 75 -12.34 27.65 -9.73
N GLU A 76 -12.73 27.54 -11.00
CA GLU A 76 -12.03 28.24 -12.07
C GLU A 76 -12.72 29.57 -12.37
N GLU A 77 -11.99 30.48 -13.01
N GLU A 80 -19.81 28.58 -12.49
CA GLU A 80 -20.97 29.07 -11.74
C GLU A 80 -20.92 28.56 -10.30
N GLU A 81 -21.05 29.47 -9.34
CA GLU A 81 -20.98 29.12 -7.92
C GLU A 81 -22.13 28.21 -7.55
N LYS A 82 -21.81 27.04 -6.99
CA LYS A 82 -22.80 26.02 -6.69
C LYS A 82 -22.95 25.75 -5.19
N GLY A 83 -22.44 26.62 -4.34
CA GLY A 83 -22.57 26.45 -2.92
C GLY A 83 -21.52 25.53 -2.34
N PRO A 84 -21.67 25.19 -1.06
CA PRO A 84 -20.64 24.44 -0.34
C PRO A 84 -20.69 22.93 -0.55
N GLU A 85 -21.63 22.40 -1.33
CA GLU A 85 -21.92 20.98 -1.31
C GLU A 85 -20.78 20.14 -1.87
N VAL A 86 -20.13 20.58 -2.96
CA VAL A 86 -19.03 19.78 -3.53
C VAL A 86 -17.89 19.65 -2.52
N ARG A 87 -17.49 20.78 -1.93
CA ARG A 87 -16.45 20.76 -0.91
C ARG A 87 -16.85 19.88 0.27
N GLU A 88 -18.11 20.04 0.75
CA GLU A 88 -18.56 19.23 1.89
C GLU A 88 -18.46 17.74 1.60
N TYR A 89 -18.91 17.31 0.41
CA TYR A 89 -18.94 15.88 0.12
C TYR A 89 -17.54 15.35 -0.15
N ARG A 90 -16.67 16.15 -0.81
CA ARG A 90 -15.27 15.74 -0.93
C ARG A 90 -14.64 15.58 0.44
N GLU A 91 -14.90 16.52 1.36
CA GLU A 91 -14.40 16.41 2.72
C GLU A 91 -14.93 15.17 3.43
N LYS A 92 -16.19 14.80 3.21
CA LYS A 92 -16.75 13.62 3.84
C LYS A 92 -15.99 12.38 3.41
N VAL A 93 -15.78 12.23 2.09
CA VAL A 93 -15.05 11.07 1.59
C VAL A 93 -13.61 11.10 2.08
N GLU A 94 -12.98 12.28 2.07
CA GLU A 94 -11.61 12.42 2.55
C GLU A 94 -11.47 11.97 4.00
N THR A 95 -12.39 12.40 4.86
CA THR A 95 -12.33 12.03 6.26
C THR A 95 -12.48 10.53 6.46
N GLU A 96 -13.37 9.91 5.68
N GLU A 96 -13.34 9.88 5.66
CA GLU A 96 -13.52 8.45 5.74
CA GLU A 96 -13.49 8.43 5.78
C GLU A 96 -12.21 7.77 5.34
C GLU A 96 -12.24 7.71 5.29
N LEU A 97 -11.62 8.22 4.23
CA LEU A 97 -10.35 7.67 3.75
C LEU A 97 -9.26 7.80 4.80
N GLN A 98 -9.14 8.98 5.41
CA GLN A 98 -8.15 9.18 6.45
C GLN A 98 -8.39 8.23 7.61
N GLY A 99 -9.66 7.99 7.95
CA GLY A 99 -9.96 7.10 9.04
C GLY A 99 -9.53 5.67 8.78
N VAL A 100 -9.70 5.19 7.55
CA VAL A 100 -9.23 3.86 7.17
C VAL A 100 -7.71 3.81 7.25
N CYS A 101 -7.02 4.84 6.71
CA CYS A 101 -5.56 4.84 6.79
C CYS A 101 -5.10 4.82 8.24
N ASP A 102 -5.74 5.60 9.10
CA ASP A 102 -5.38 5.65 10.52
C ASP A 102 -5.60 4.31 11.19
N THR A 103 -6.68 3.61 10.81
CA THR A 103 -6.93 2.27 11.36
C THR A 103 -5.82 1.30 10.99
N VAL A 104 -5.41 1.29 9.72
CA VAL A 104 -4.35 0.39 9.29
C VAL A 104 -3.06 0.73 10.00
N LEU A 105 -2.69 2.02 10.03
CA LEU A 105 -1.47 2.42 10.71
C LEU A 105 -1.51 2.05 12.18
N GLY A 106 -2.69 2.12 12.79
CA GLY A 106 -2.79 1.74 14.20
C GLY A 106 -2.56 0.26 14.44
N LEU A 107 -3.04 -0.58 13.52
CA LEU A 107 -2.77 -2.01 13.63
C LEU A 107 -1.28 -2.31 13.46
N LEU A 108 -0.64 -1.61 12.53
CA LEU A 108 0.80 -1.79 12.34
C LEU A 108 1.57 -1.37 13.58
N ASP A 109 1.15 -0.28 14.23
CA ASP A 109 1.85 0.22 15.42
C ASP A 109 1.48 -0.51 16.69
N SER A 110 0.37 -1.24 16.71
CA SER A 110 -0.15 -1.89 17.92
C SER A 110 -0.70 -3.26 17.52
N HIS A 111 0.17 -4.25 17.28
CA HIS A 111 1.60 -4.26 17.53
C HIS A 111 2.35 -5.06 16.46
N LEU A 112 1.86 -5.00 15.22
CA LEU A 112 2.38 -5.90 14.20
C LEU A 112 3.86 -5.67 13.90
N ILE A 113 4.28 -4.42 13.72
CA ILE A 113 5.68 -4.18 13.33
C ILE A 113 6.64 -4.61 14.43
N LYS A 114 6.33 -4.26 15.68
CA LYS A 114 7.30 -4.50 16.75
C LYS A 114 7.52 -5.99 16.97
N GLU A 115 6.56 -6.86 16.62
N GLU A 115 6.52 -6.84 16.64
CA GLU A 115 6.78 -8.28 16.81
CA GLU A 115 6.61 -8.29 16.78
C GLU A 115 7.29 -8.97 15.55
C GLU A 115 7.19 -8.97 15.54
N ALA A 116 7.46 -8.24 14.46
CA ALA A 116 7.88 -8.83 13.18
C ALA A 116 9.40 -8.83 13.07
N GLY A 117 9.99 -10.02 13.14
CA GLY A 117 11.43 -10.17 13.09
C GLY A 117 12.00 -10.76 11.82
N ASP A 118 11.24 -11.58 11.12
CA ASP A 118 11.71 -12.14 9.88
C ASP A 118 11.59 -11.11 8.76
N ALA A 119 12.47 -11.19 7.77
CA ALA A 119 12.43 -10.18 6.71
C ALA A 119 11.09 -10.16 5.99
N GLU A 120 10.50 -11.34 5.72
CA GLU A 120 9.29 -11.35 4.90
C GLU A 120 8.13 -10.67 5.63
N SER A 121 8.08 -10.77 6.96
CA SER A 121 7.01 -10.09 7.68
C SER A 121 7.34 -8.62 7.90
N ARG A 122 8.56 -8.32 8.35
CA ARG A 122 8.92 -6.95 8.70
C ARG A 122 8.90 -6.05 7.47
N VAL A 123 9.47 -6.52 6.35
CA VAL A 123 9.44 -5.73 5.12
C VAL A 123 8.00 -5.51 4.66
N PHE A 124 7.17 -6.56 4.70
CA PHE A 124 5.78 -6.42 4.32
C PHE A 124 5.09 -5.32 5.11
N TYR A 125 5.25 -5.32 6.44
CA TYR A 125 4.55 -4.35 7.28
C TYR A 125 5.08 -2.94 7.10
N LEU A 126 6.40 -2.79 6.97
CA LEU A 126 6.97 -1.47 6.77
C LEU A 126 6.56 -0.89 5.42
N LYS A 127 6.51 -1.73 4.38
CA LYS A 127 5.95 -1.32 3.09
C LYS A 127 4.50 -0.83 3.25
N MET A 128 3.68 -1.58 4.00
N MET A 128 3.69 -1.58 3.99
CA MET A 128 2.29 -1.16 4.20
CA MET A 128 2.32 -1.20 4.25
C MET A 128 2.24 0.19 4.91
C MET A 128 2.24 0.16 4.92
N LYS A 129 3.10 0.39 5.91
CA LYS A 129 3.15 1.68 6.59
C LYS A 129 3.48 2.79 5.61
N GLY A 130 4.46 2.57 4.72
CA GLY A 130 4.74 3.56 3.68
C GLY A 130 3.54 3.80 2.77
N ASP A 131 2.85 2.73 2.38
CA ASP A 131 1.70 2.87 1.48
C ASP A 131 0.60 3.71 2.10
N TYR A 132 0.24 3.47 3.38
CA TYR A 132 -0.90 4.16 3.98
C TYR A 132 -0.54 5.60 4.34
N TYR A 133 0.72 5.90 4.68
CA TYR A 133 1.12 7.30 4.75
C TYR A 133 1.09 7.96 3.37
N ARG A 134 1.44 7.21 2.33
CA ARG A 134 1.34 7.72 0.96
C ARG A 134 -0.10 8.09 0.60
N TYR A 135 -1.06 7.23 0.95
CA TYR A 135 -2.47 7.57 0.69
C TYR A 135 -2.91 8.79 1.50
N LEU A 136 -2.44 8.93 2.74
CA LEU A 136 -2.68 10.16 3.49
C LEU A 136 -2.07 11.38 2.79
N ALA A 137 -0.85 11.21 2.23
CA ALA A 137 -0.18 12.34 1.58
C ALA A 137 -0.95 12.81 0.36
N GLU A 138 -1.61 11.89 -0.34
CA GLU A 138 -2.34 12.24 -1.56
C GLU A 138 -3.42 13.29 -1.31
N VAL A 139 -4.00 13.32 -0.10
CA VAL A 139 -5.09 14.23 0.24
C VAL A 139 -4.66 15.33 1.19
N ALA A 140 -3.39 15.35 1.59
CA ALA A 140 -2.90 16.31 2.57
C ALA A 140 -2.56 17.65 1.92
N THR A 141 -2.86 18.72 2.65
CA THR A 141 -2.63 20.08 2.21
C THR A 141 -2.13 21.00 3.32
N GLY A 142 -2.53 20.80 4.57
CA GLY A 142 -2.25 21.72 5.65
C GLY A 142 -0.82 21.64 6.13
N ASP A 143 -0.64 22.05 7.40
CA ASP A 143 0.69 22.08 8.02
C ASP A 143 1.21 20.67 8.32
N ASP A 144 0.64 19.66 7.66
CA ASP A 144 0.99 18.28 7.94
C ASP A 144 1.48 17.50 6.72
N LYS A 145 1.36 18.05 5.51
CA LYS A 145 1.76 17.28 4.34
C LYS A 145 3.24 16.91 4.42
N LYS A 146 4.09 17.84 4.86
CA LYS A 146 5.52 17.54 4.90
C LYS A 146 5.84 16.42 5.87
N ARG A 147 5.23 16.44 7.06
CA ARG A 147 5.51 15.40 8.04
C ARG A 147 4.93 14.05 7.59
N ILE A 148 3.78 14.07 6.93
CA ILE A 148 3.19 12.82 6.41
C ILE A 148 4.10 12.22 5.33
N ILE A 149 4.60 13.06 4.43
CA ILE A 149 5.51 12.61 3.39
C ILE A 149 6.76 12.02 4.02
N ASP A 150 7.32 12.68 5.04
CA ASP A 150 8.53 12.13 5.63
CA ASP A 150 8.52 12.16 5.69
C ASP A 150 8.27 10.81 6.34
N SER A 151 7.07 10.62 6.92
CA SER A 151 6.74 9.34 7.54
C SER A 151 6.67 8.24 6.49
N ALA A 152 6.08 8.51 5.33
CA ALA A 152 6.06 7.51 4.26
C ALA A 152 7.48 7.17 3.83
N ARG A 153 8.29 8.20 3.61
CA ARG A 153 9.66 8.00 3.14
CA ARG A 153 9.66 8.00 3.14
C ARG A 153 10.44 7.14 4.13
N SER A 154 10.33 7.45 5.41
CA SER A 154 11.09 6.74 6.43
C SER A 154 10.72 5.26 6.49
N ALA A 155 9.43 4.95 6.41
CA ALA A 155 9.00 3.55 6.44
C ALA A 155 9.49 2.80 5.20
N TYR A 156 9.31 3.40 4.01
CA TYR A 156 9.81 2.78 2.79
C TYR A 156 11.31 2.56 2.85
N GLN A 157 12.06 3.56 3.37
CA GLN A 157 13.52 3.42 3.38
C GLN A 157 13.96 2.30 4.31
N GLU A 158 13.36 2.19 5.50
CA GLU A 158 13.72 1.08 6.38
C GLU A 158 13.40 -0.28 5.73
N ALA A 159 12.25 -0.37 5.07
CA ALA A 159 11.89 -1.61 4.38
C ALA A 159 12.89 -1.93 3.27
N MET A 160 13.32 -0.90 2.53
N MET A 160 13.31 -0.91 2.51
CA MET A 160 14.29 -1.07 1.46
CA MET A 160 14.30 -1.10 1.45
C MET A 160 15.61 -1.59 2.01
C MET A 160 15.61 -1.61 2.02
N ASP A 161 16.09 -0.98 3.11
CA ASP A 161 17.38 -1.38 3.67
C ASP A 161 17.37 -2.85 4.06
N ILE A 162 16.29 -3.31 4.71
CA ILE A 162 16.18 -4.71 5.11
C ILE A 162 16.09 -5.60 3.87
N SER A 163 15.28 -5.19 2.88
CA SER A 163 15.04 -6.04 1.72
C SER A 163 16.33 -6.27 0.93
N LYS A 164 17.17 -5.25 0.82
CA LYS A 164 18.41 -5.41 0.06
C LYS A 164 19.40 -6.30 0.79
N LYS A 165 19.38 -6.30 2.12
CA LYS A 165 20.27 -7.15 2.89
C LYS A 165 19.80 -8.60 2.95
N GLU A 166 18.48 -8.83 2.99
CA GLU A 166 17.94 -10.11 3.40
C GLU A 166 17.17 -10.88 2.32
N MET A 167 16.87 -10.28 1.17
CA MET A 167 16.06 -10.92 0.14
C MET A 167 16.75 -10.86 -1.20
N PRO A 168 16.55 -11.85 -2.06
CA PRO A 168 17.11 -11.77 -3.42
C PRO A 168 16.38 -10.72 -4.24
N PRO A 169 17.00 -10.23 -5.31
CA PRO A 169 16.39 -9.14 -6.08
C PRO A 169 15.11 -9.50 -6.78
N THR A 170 14.79 -10.79 -6.92
CA THR A 170 13.54 -11.21 -7.54
C THR A 170 12.42 -11.47 -6.53
N ASN A 171 12.68 -11.34 -5.25
CA ASN A 171 11.64 -11.65 -4.26
C ASN A 171 10.42 -10.76 -4.50
N PRO A 172 9.19 -11.32 -4.58
CA PRO A 172 8.04 -10.49 -4.93
C PRO A 172 7.73 -9.38 -3.94
N ILE A 173 8.01 -9.57 -2.65
CA ILE A 173 7.82 -8.51 -1.67
C ILE A 173 8.80 -7.38 -1.92
N ARG A 174 10.08 -7.72 -2.13
CA ARG A 174 11.09 -6.72 -2.45
C ARG A 174 10.72 -5.96 -3.72
N LEU A 175 10.26 -6.66 -4.76
CA LEU A 175 9.87 -6.00 -5.99
C LEU A 175 8.67 -5.08 -5.81
N GLY A 176 7.64 -5.54 -5.08
CA GLY A 176 6.48 -4.68 -4.85
C GLY A 176 6.80 -3.44 -4.02
N LEU A 177 7.71 -3.59 -3.06
CA LEU A 177 8.20 -2.45 -2.28
C LEU A 177 8.89 -1.43 -3.17
N ALA A 178 9.84 -1.89 -3.99
CA ALA A 178 10.55 -0.99 -4.88
C ALA A 178 9.60 -0.28 -5.84
N LEU A 179 8.66 -1.02 -6.41
CA LEU A 179 7.62 -0.43 -7.26
C LEU A 179 6.89 0.70 -6.55
N ASN A 180 6.41 0.44 -5.34
CA ASN A 180 5.60 1.45 -4.64
C ASN A 180 6.45 2.62 -4.18
N PHE A 181 7.71 2.39 -3.76
CA PHE A 181 8.59 3.49 -3.41
C PHE A 181 8.88 4.35 -4.64
N SER A 182 9.03 3.71 -5.83
CA SER A 182 9.22 4.50 -7.05
C SER A 182 8.00 5.37 -7.33
N VAL A 183 6.79 4.86 -7.11
CA VAL A 183 5.57 5.66 -7.27
C VAL A 183 5.55 6.81 -6.26
N PHE A 184 5.90 6.55 -5.01
CA PHE A 184 6.07 7.61 -4.03
C PHE A 184 6.98 8.71 -4.57
N HIS A 185 8.16 8.35 -5.09
CA HIS A 185 9.08 9.38 -5.57
C HIS A 185 8.44 10.19 -6.70
N TYR A 186 7.77 9.54 -7.63
CA TYR A 186 7.26 10.22 -8.82
C TYR A 186 6.01 11.06 -8.51
N GLU A 187 5.06 10.50 -7.75
N GLU A 187 5.07 10.52 -7.74
CA GLU A 187 3.73 11.10 -7.56
CA GLU A 187 3.75 11.13 -7.59
C GLU A 187 3.65 11.99 -6.34
C GLU A 187 3.59 11.94 -6.31
N ILE A 188 4.43 11.72 -5.29
CA ILE A 188 4.31 12.38 -4.00
C ILE A 188 5.47 13.33 -3.75
N ALA A 189 6.71 12.85 -3.93
CA ALA A 189 7.90 13.56 -3.49
C ALA A 189 8.49 14.49 -4.56
N ASN A 190 7.86 14.58 -5.74
N ASN A 190 7.86 14.60 -5.72
CA ASN A 190 8.34 15.44 -6.81
CA ASN A 190 8.36 15.44 -6.79
C ASN A 190 9.76 15.09 -7.27
C ASN A 190 9.83 15.11 -7.11
N SER A 191 10.10 13.80 -7.20
CA SER A 191 11.44 13.29 -7.51
C SER A 191 11.35 12.30 -8.67
N PRO A 192 10.95 12.74 -9.87
CA PRO A 192 10.81 11.80 -10.99
C PRO A 192 12.13 11.11 -11.36
N GLU A 193 13.27 11.80 -11.26
CA GLU A 193 14.54 11.14 -11.58
C GLU A 193 14.84 10.00 -10.62
N GLU A 194 14.59 10.20 -9.31
CA GLU A 194 14.79 9.12 -8.34
C GLU A 194 13.88 7.94 -8.65
N ALA A 195 12.63 8.23 -9.01
CA ALA A 195 11.68 7.18 -9.37
C ALA A 195 12.18 6.35 -10.54
N ILE A 196 12.63 7.02 -11.61
CA ILE A 196 13.11 6.34 -12.80
C ILE A 196 14.36 5.51 -12.47
N SER A 197 15.31 6.09 -11.72
N SER A 197 15.29 6.09 -11.71
CA SER A 197 16.52 5.36 -11.36
CA SER A 197 16.51 5.37 -11.36
C SER A 197 16.19 4.11 -10.55
C SER A 197 16.21 4.12 -10.54
N LEU A 198 15.29 4.24 -9.58
CA LEU A 198 14.93 3.08 -8.75
C LEU A 198 14.26 2.00 -9.59
N ALA A 199 13.31 2.38 -10.44
CA ALA A 199 12.64 1.37 -11.24
C ALA A 199 13.61 0.65 -12.17
N LYS A 200 14.53 1.40 -12.78
CA LYS A 200 15.51 0.80 -13.69
C LYS A 200 16.45 -0.15 -12.97
N THR A 201 17.04 0.29 -11.87
N THR A 201 17.04 0.30 -11.86
CA THR A 201 17.96 -0.59 -11.15
CA THR A 201 17.96 -0.57 -11.12
C THR A 201 17.23 -1.81 -10.63
C THR A 201 17.25 -1.80 -10.59
N THR A 202 16.02 -1.64 -10.12
CA THR A 202 15.26 -2.78 -9.61
C THR A 202 15.01 -3.79 -10.72
N PHE A 203 14.55 -3.31 -11.88
CA PHE A 203 14.27 -4.20 -13.00
C PHE A 203 15.52 -4.94 -13.44
N ASP A 204 16.63 -4.23 -13.60
CA ASP A 204 17.85 -4.83 -14.10
C ASP A 204 18.42 -5.87 -13.14
N GLU A 205 18.40 -5.60 -11.84
CA GLU A 205 18.93 -6.55 -10.87
C GLU A 205 18.03 -7.77 -10.76
N ALA A 206 16.73 -7.60 -10.94
CA ALA A 206 15.83 -8.76 -10.96
C ALA A 206 16.07 -9.61 -12.22
N MET A 207 16.20 -8.96 -13.38
N MET A 207 16.20 -8.96 -13.39
CA MET A 207 16.46 -9.68 -14.62
CA MET A 207 16.47 -9.70 -14.62
C MET A 207 17.65 -10.62 -14.48
C MET A 207 17.65 -10.64 -14.46
N ALA A 208 18.72 -10.15 -13.85
CA ALA A 208 19.96 -10.90 -13.71
C ALA A 208 19.83 -12.06 -12.73
N ASP A 209 18.77 -12.11 -11.91
CA ASP A 209 18.56 -13.17 -10.93
C ASP A 209 17.48 -14.17 -11.35
N LEU A 210 16.80 -13.93 -12.47
CA LEU A 210 15.73 -14.83 -12.92
C LEU A 210 16.23 -16.25 -13.16
N HIS A 211 17.50 -16.41 -13.55
CA HIS A 211 18.03 -17.73 -13.88
C HIS A 211 17.99 -18.69 -12.71
N THR A 212 17.90 -18.17 -11.47
CA THR A 212 17.91 -18.99 -10.27
C THR A 212 16.54 -19.58 -9.91
N LEU A 213 15.49 -19.19 -10.59
CA LEU A 213 14.11 -19.40 -10.17
C LEU A 213 13.47 -20.60 -10.86
N SER A 214 12.51 -21.19 -10.17
CA SER A 214 11.64 -22.19 -10.75
C SER A 214 10.67 -21.53 -11.75
N GLU A 215 9.96 -22.37 -12.52
CA GLU A 215 8.98 -21.86 -13.46
C GLU A 215 7.91 -21.01 -12.77
N ASP A 216 7.42 -21.46 -11.60
CA ASP A 216 6.37 -20.72 -10.92
C ASP A 216 6.89 -19.42 -10.33
N SER A 217 8.08 -19.44 -9.71
CA SER A 217 8.64 -18.22 -9.16
C SER A 217 8.99 -17.21 -10.26
N TYR A 218 9.47 -17.71 -11.41
CA TYR A 218 9.73 -16.86 -12.56
C TYR A 218 8.49 -16.11 -12.98
N LYS A 219 7.35 -16.80 -13.04
CA LYS A 219 6.09 -16.16 -13.39
C LYS A 219 5.72 -15.08 -12.37
N ASP A 220 5.86 -15.40 -11.07
CA ASP A 220 5.54 -14.42 -10.03
C ASP A 220 6.39 -13.16 -10.17
N SER A 221 7.72 -13.32 -10.32
CA SER A 221 8.61 -12.16 -10.36
C SER A 221 8.43 -11.36 -11.64
N THR A 222 8.30 -12.04 -12.78
CA THR A 222 8.18 -11.29 -14.03
C THR A 222 6.88 -10.50 -14.10
N LEU A 223 5.81 -10.98 -13.43
CA LEU A 223 4.57 -10.22 -13.45
C LEU A 223 4.76 -8.83 -12.83
N ILE A 224 5.51 -8.77 -11.74
CA ILE A 224 5.73 -7.48 -11.07
C ILE A 224 6.75 -6.65 -11.84
N MET A 225 7.77 -7.30 -12.40
CA MET A 225 8.72 -6.57 -13.24
C MET A 225 8.03 -5.85 -14.38
N GLN A 226 6.94 -6.41 -14.92
CA GLN A 226 6.24 -5.77 -16.01
C GLN A 226 5.63 -4.43 -15.59
N LEU A 227 5.19 -4.32 -14.33
CA LEU A 227 4.69 -3.04 -13.83
C LEU A 227 5.80 -1.99 -13.76
N LEU A 228 7.00 -2.39 -13.31
CA LEU A 228 8.13 -1.48 -13.35
C LEU A 228 8.38 -0.97 -14.77
N ARG A 229 8.34 -1.90 -15.74
CA ARG A 229 8.57 -1.55 -17.13
C ARG A 229 7.47 -0.62 -17.65
N ASP A 230 6.21 -0.90 -17.30
CA ASP A 230 5.13 -0.05 -17.77
C ASP A 230 5.28 1.38 -17.23
N ASN A 231 5.69 1.52 -15.97
CA ASN A 231 5.90 2.86 -15.44
C ASN A 231 7.06 3.55 -16.14
N LEU A 232 8.17 2.83 -16.37
CA LEU A 232 9.28 3.43 -17.09
C LEU A 232 8.82 3.91 -18.47
N THR A 233 7.93 3.17 -19.12
CA THR A 233 7.41 3.60 -20.42
C THR A 233 6.57 4.87 -20.28
N LEU A 234 5.79 4.97 -19.21
CA LEU A 234 4.98 6.16 -19.00
C LEU A 234 5.83 7.36 -18.61
N TRP A 235 6.94 7.14 -17.89
CA TRP A 235 7.73 8.23 -17.32
C TRP A 235 8.83 8.73 -18.23
N THR A 236 9.15 7.97 -19.28
CA THR A 236 10.20 8.33 -20.21
C THR A 236 9.68 8.16 -21.64
N ARG B 4 -1.75 8.11 -14.40
CA ARG B 4 -1.14 7.86 -13.11
C ARG B 4 -0.26 6.62 -13.13
N SER B 5 0.80 6.67 -12.33
CA SER B 5 1.73 5.56 -12.25
C SER B 5 1.07 4.33 -11.65
N LEU B 6 1.54 3.16 -12.08
CA LEU B 6 1.02 1.88 -11.62
C LEU B 6 1.72 1.44 -10.34
N SEP B 7 0.95 1.11 -9.30
CA SEP B 7 1.56 0.60 -8.06
CB SEP B 7 1.01 1.35 -6.84
OG SEP B 7 -0.41 1.19 -6.77
C SEP B 7 1.29 -0.90 -7.96
O SEP B 7 0.59 -1.48 -8.80
P SEP B 7 -1.15 2.03 -5.60
O1P SEP B 7 -2.68 1.60 -5.73
O2P SEP B 7 -0.96 3.57 -5.88
O3P SEP B 7 -0.60 1.58 -4.17
N GLU B 8 1.85 -1.52 -6.92
CA GLU B 8 1.81 -2.96 -6.74
C GLU B 8 0.38 -3.47 -6.75
N ARG B 9 0.16 -4.59 -7.44
CA ARG B 9 -1.13 -5.24 -7.50
C ARG B 9 -1.25 -6.34 -6.45
N LEU B 10 -2.49 -6.65 -6.09
CA LEU B 10 -2.77 -7.77 -5.19
C LEU B 10 -2.43 -9.08 -5.88
N MET B 11 -2.02 -10.07 -5.07
CA MET B 11 -1.46 -11.31 -5.61
C MET B 11 -2.45 -12.48 -5.62
C13 K92 C . 0.80 -13.84 -1.67
C15 K92 C . 1.87 -15.36 -2.73
C17 K92 C . 0.19 -17.15 -2.97
C20 K92 C . -5.32 -14.17 -1.18
C01 K92 C . -0.01 -19.13 1.28
C02 K92 C . -1.29 -19.29 0.77
C03 K92 C . -1.92 -18.22 0.15
C04 K92 C . -1.30 -17.00 0.03
C05 K92 C . -0.03 -16.84 0.55
C06 K92 C . 0.62 -17.91 1.17
C07 K92 C . -1.99 -15.94 -0.62
C08 K92 C . -3.36 -15.74 -0.46
C09 K92 C . -3.87 -14.64 -1.14
C11 K92 C . -1.37 -15.01 -1.47
C12 K92 C . -0.03 -14.92 -1.86
C18 K92 C . -0.80 -17.01 -4.12
N14 K92 C . 1.96 -14.15 -2.21
N16 K92 C . 0.66 -15.85 -2.54
N19 K92 C . -0.11 -16.65 -5.34
N21 K92 C . -5.64 -12.98 -1.91
N22 K92 C . -6.19 -14.84 -0.58
S10 K92 C . -2.59 -13.90 -2.01
H131 K92 C . 0.58 -13.04 -1.26
H151 K92 C . 2.55 -15.81 -3.17
H171 K92 C . -0.24 -17.61 -2.23
H172 K92 C . 0.95 -17.68 -3.27
H011 K92 C . 0.42 -19.85 1.69
H021 K92 C . -1.73 -20.12 0.85
H031 K92 C . -2.79 -18.34 -0.19
H051 K92 C . 0.41 -16.01 0.48
H061 K92 C . 1.47 -17.81 1.50
H081 K92 C . -3.90 -16.30 0.06
H181 K92 C . -1.28 -17.85 -4.25
H182 K92 C . -1.45 -16.31 -3.90
H1 K92 C . -0.05 -17.35 -5.88
H191 K92 C . -0.57 -16.00 -5.75
H211 K92 C . -6.46 -12.70 -1.94
H2 K92 C . -5.02 -12.53 -2.31
H221 K92 C . -7.02 -14.57 -0.59
CA CA D . 8.08 -12.37 15.96
CA CA E . 16.85 -14.24 2.96
CL CL F . -20.70 -13.49 10.25
MG MG G . -9.82 -18.80 20.76
#